data_4Z8F
#
_entry.id   4Z8F
#
_cell.length_a   77.585
_cell.length_b   77.585
_cell.length_c   156.267
_cell.angle_alpha   90.00
_cell.angle_beta   90.00
_cell.angle_gamma   90.00
#
_symmetry.space_group_name_H-M   'P 43 21 2'
#
loop_
_entity.id
_entity.type
_entity.pdbx_description
1 polymer 'S1-15 Fab (IgG2b) heavy chain'
2 polymer 'S1-15 Fab (IgG2b kappa) light chain'
3 polymer "5'-D(P*TP*TP*TP*TP*T)-3'"
4 water water
#
loop_
_entity_poly.entity_id
_entity_poly.type
_entity_poly.pdbx_seq_one_letter_code
_entity_poly.pdbx_strand_id
1 'polypeptide(L)'
;EVQLVESGGGLVQPKGSLKLSCAASGFTFNTYAMNWVRQAPGKGLEWVARIRSKSNNYATYYADSVKDRFTISRDDSQSM
LYLQMNNLKTEDTAMYYCVRHRGAPLYYGNGAWFAYWGQGTLVTVSAAKTTPPSVYPLAPGCGDTTGSSVTSGCLVKGYF
PESVTVTWNSGSLSSSVHTFPALLQSGLYTMSSSVTVPSSTWPSETVTCSVAHPASSTTVDKKLEPS
;
H
2 'polypeptide(L)'
;DIQMTQSTSSLSASLGDRVTISCRASQDISNYLNWYQQKPDGTVKVLIYYTSRLRSGVPSRFSGSGSGTDYSLTISNLEQ
EDIATYFCQQGNTLPWTFGGGTKLEIKRADAAPTVSIFPPSSEQLTSGGASVVCFLNNFYPKDINVKWKIDGSERQNGVL
NSWTDQDSKDSTYSMSSTLTLTKDEYERHNSYTCEATHKTSTSPIVKSFNRNEC
;
L
3 'polydeoxyribonucleotide' (DT)(DT)(DT)(DT)(THP) E,A
#
# COMPACT_ATOMS: atom_id res chain seq x y z
N GLU A 1 -15.58 0.62 -19.39
CA GLU A 1 -15.31 0.15 -18.00
C GLU A 1 -15.62 1.25 -16.96
N VAL A 2 -16.13 0.83 -15.80
CA VAL A 2 -16.43 1.78 -14.74
C VAL A 2 -15.16 2.40 -14.21
N GLN A 3 -15.14 3.72 -14.11
CA GLN A 3 -14.08 4.48 -13.48
C GLN A 3 -14.63 5.40 -12.38
N LEU A 4 -13.97 5.39 -11.22
CA LEU A 4 -14.32 6.27 -10.12
C LEU A 4 -12.98 6.88 -9.65
N VAL A 5 -12.77 8.18 -9.92
CA VAL A 5 -11.50 8.84 -9.67
C VAL A 5 -11.64 9.86 -8.56
N GLU A 6 -11.09 9.53 -7.40
CA GLU A 6 -11.14 10.38 -6.22
C GLU A 6 -10.10 11.48 -6.32
N SER A 7 -10.43 12.62 -5.77
CA SER A 7 -9.46 13.70 -5.60
C SER A 7 -9.78 14.48 -4.34
N GLY A 8 -8.82 15.30 -3.91
CA GLY A 8 -9.06 16.23 -2.82
C GLY A 8 -8.44 15.87 -1.49
N GLY A 9 -7.85 14.68 -1.38
CA GLY A 9 -7.17 14.23 -0.18
C GLY A 9 -5.92 15.08 0.10
N GLY A 10 -5.59 15.20 1.36
CA GLY A 10 -4.40 15.95 1.74
C GLY A 10 -4.38 16.09 3.24
N LEU A 11 -3.49 16.97 3.71
CA LEU A 11 -3.27 17.20 5.12
C LEU A 11 -4.23 18.25 5.64
N VAL A 12 -4.84 18.01 6.79
CA VAL A 12 -5.70 19.01 7.42
C VAL A 12 -5.49 18.93 8.94
N GLN A 13 -5.62 20.05 9.64
CA GLN A 13 -5.42 20.05 11.10
C GLN A 13 -6.65 19.50 11.80
N PRO A 14 -6.49 18.95 13.03
CA PRO A 14 -7.68 18.64 13.79
C PRO A 14 -8.66 19.81 13.83
N LYS A 15 -9.95 19.48 13.79
CA LYS A 15 -11.06 20.42 13.75
C LYS A 15 -11.21 21.17 12.43
N GLY A 16 -10.33 20.93 11.47
CA GLY A 16 -10.48 21.54 10.18
C GLY A 16 -11.42 20.80 9.24
N SER A 17 -11.40 21.23 7.98
CA SER A 17 -12.38 20.80 7.01
C SER A 17 -11.68 20.42 5.72
N LEU A 18 -12.31 19.56 4.93
CA LEU A 18 -11.77 19.13 3.64
C LEU A 18 -12.89 18.58 2.82
N LYS A 19 -12.88 18.85 1.52
CA LYS A 19 -13.90 18.31 0.63
C LYS A 19 -13.27 17.33 -0.35
N LEU A 20 -13.81 16.12 -0.40
CA LEU A 20 -13.39 15.12 -1.37
C LEU A 20 -14.33 15.07 -2.56
N SER A 21 -13.78 14.77 -3.73
CA SER A 21 -14.52 14.65 -4.96
C SER A 21 -14.27 13.29 -5.60
N CYS A 22 -15.24 12.83 -6.37
CA CYS A 22 -15.11 11.62 -7.17
C CYS A 22 -15.78 11.83 -8.53
N ALA A 23 -15.02 11.63 -9.61
CA ALA A 23 -15.50 11.78 -10.97
C ALA A 23 -15.79 10.37 -11.48
N ALA A 24 -17.06 10.11 -11.74
CA ALA A 24 -17.53 8.81 -12.22
C ALA A 24 -17.68 8.79 -13.74
N SER A 25 -17.40 7.64 -14.33
CA SER A 25 -17.71 7.41 -15.74
C SER A 25 -17.90 5.94 -16.04
N GLY A 26 -18.48 5.65 -17.21
CA GLY A 26 -18.63 4.24 -17.67
C GLY A 26 -19.90 3.55 -17.24
N PHE A 27 -20.80 4.29 -16.63
CA PHE A 27 -22.11 3.77 -16.21
C PHE A 27 -23.06 4.95 -16.09
N THR A 28 -24.34 4.63 -15.90
CA THR A 28 -25.38 5.64 -15.81
C THR A 28 -25.40 6.11 -14.35
N PHE A 29 -24.64 7.16 -14.05
CA PHE A 29 -24.46 7.63 -12.66
C PHE A 29 -25.77 7.86 -11.93
N ASN A 30 -26.74 8.45 -12.62
CA ASN A 30 -27.91 8.92 -11.92
C ASN A 30 -28.89 7.82 -11.48
N THR A 31 -28.67 6.57 -11.88
CA THR A 31 -29.56 5.50 -11.44
C THR A 31 -29.04 4.74 -10.22
N TYR A 32 -27.85 5.05 -9.71
CA TYR A 32 -27.18 4.25 -8.65
C TYR A 32 -27.03 5.04 -7.37
N ALA A 33 -27.17 4.33 -6.25
CA ALA A 33 -26.68 4.83 -4.96
C ALA A 33 -25.16 4.85 -5.00
N MET A 34 -24.58 5.79 -4.25
CA MET A 34 -23.14 5.94 -4.18
C MET A 34 -22.73 5.97 -2.71
N ASN A 35 -21.52 5.52 -2.45
CA ASN A 35 -20.97 5.48 -1.09
C ASN A 35 -19.56 6.05 -0.99
N TRP A 36 -19.17 6.42 0.22
CA TRP A 36 -17.78 6.49 0.59
C TRP A 36 -17.48 5.40 1.61
N VAL A 37 -16.32 4.77 1.42
CA VAL A 37 -15.78 3.77 2.33
C VAL A 37 -14.32 4.14 2.66
N ARG A 38 -13.90 3.98 3.91
CA ARG A 38 -12.54 4.35 4.25
C ARG A 38 -11.73 3.26 4.89
N GLN A 39 -10.43 3.50 4.95
CA GLN A 39 -9.50 2.52 5.50
C GLN A 39 -8.34 3.23 6.20
N ALA A 40 -8.37 3.24 7.53
CA ALA A 40 -7.27 3.84 8.28
C ALA A 40 -5.98 3.02 8.06
N PRO A 41 -4.79 3.67 8.13
CA PRO A 41 -3.55 2.98 7.78
C PRO A 41 -3.36 1.67 8.51
N GLY A 42 -3.02 0.63 7.74
CA GLY A 42 -2.86 -0.72 8.25
C GLY A 42 -4.10 -1.36 8.84
N LYS A 43 -5.27 -0.75 8.68
CA LYS A 43 -6.50 -1.29 9.27
C LYS A 43 -7.48 -1.72 8.18
N GLY A 44 -8.68 -2.09 8.61
CA GLY A 44 -9.69 -2.64 7.71
C GLY A 44 -10.60 -1.57 7.13
N LEU A 45 -11.60 -2.04 6.39
CA LEU A 45 -12.55 -1.16 5.72
C LEU A 45 -13.69 -0.76 6.64
N GLU A 46 -14.13 0.49 6.51
CA GLU A 46 -15.25 1.02 7.26
C GLU A 46 -16.16 1.85 6.34
N TRP A 47 -17.43 1.49 6.30
CA TRP A 47 -18.42 2.25 5.50
C TRP A 47 -18.61 3.60 6.15
N VAL A 48 -18.59 4.65 5.35
CA VAL A 48 -18.75 6.03 5.85
C VAL A 48 -20.13 6.62 5.63
N ALA A 49 -20.66 6.55 4.40
CA ALA A 49 -21.87 7.25 4.07
C ALA A 49 -22.43 6.76 2.75
N ARG A 50 -23.73 6.92 2.58
CA ARG A 50 -24.45 6.59 1.34
C ARG A 50 -25.41 7.68 0.94
N ILE A 51 -25.52 7.90 -0.38
CA ILE A 51 -26.53 8.76 -0.94
C ILE A 51 -27.26 7.97 -2.02
N ARG A 52 -28.59 7.95 -1.94
CA ARG A 52 -29.38 7.24 -2.94
C ARG A 52 -29.60 8.08 -4.20
N SER A 53 -30.20 7.47 -5.22
CA SER A 53 -30.47 8.16 -6.47
C SER A 53 -31.55 9.23 -6.32
N LYS A 54 -31.66 10.06 -7.35
CA LYS A 54 -32.71 11.04 -7.44
C LYS A 54 -34.08 10.39 -7.35
N SER A 55 -34.24 9.20 -7.91
CA SER A 55 -35.55 8.54 -7.87
C SER A 55 -35.94 8.23 -6.41
N ASN A 56 -34.96 8.13 -5.53
CA ASN A 56 -35.14 7.87 -4.11
C ASN A 56 -34.84 9.11 -3.28
N ASN A 57 -35.03 10.26 -3.91
CA ASN A 57 -34.91 11.59 -3.32
C ASN A 57 -33.61 11.83 -2.59
N TYR A 58 -32.51 11.29 -3.13
CA TYR A 58 -31.19 11.53 -2.59
C TYR A 58 -31.11 11.33 -1.07
N ALA A 59 -31.78 10.29 -0.57
CA ALA A 59 -31.72 9.93 0.84
C ALA A 59 -30.29 9.62 1.26
N THR A 60 -29.86 10.17 2.41
CA THR A 60 -28.50 9.98 2.89
C THR A 60 -28.45 9.29 4.24
N TYR A 61 -27.37 8.56 4.48
CA TYR A 61 -27.19 7.81 5.73
C TYR A 61 -25.72 7.82 6.05
N TYR A 62 -25.38 7.85 7.33
CA TYR A 62 -23.99 7.97 7.75
C TYR A 62 -23.66 6.99 8.86
N ALA A 63 -22.41 6.54 8.90
CA ALA A 63 -21.91 5.81 10.07
C ALA A 63 -21.91 6.72 11.30
N ASP A 64 -22.16 6.15 12.48
CA ASP A 64 -22.27 6.94 13.73
C ASP A 64 -21.03 7.81 13.97
N SER A 65 -19.88 7.25 13.68
CA SER A 65 -18.58 7.91 13.88
C SER A 65 -18.42 9.23 13.12
N VAL A 66 -19.19 9.42 12.05
CA VAL A 66 -19.09 10.63 11.25
C VAL A 66 -20.36 11.45 11.20
N LYS A 67 -21.46 10.94 11.75
CA LYS A 67 -22.72 11.67 11.73
C LYS A 67 -22.59 13.09 12.28
N ASP A 68 -23.27 14.02 11.60
CA ASP A 68 -23.31 15.45 11.92
C ASP A 68 -21.99 16.20 11.69
N ARG A 69 -20.93 15.52 11.25
CA ARG A 69 -19.68 16.15 10.86
C ARG A 69 -19.45 16.09 9.32
N PHE A 70 -19.91 15.01 8.70
CA PHE A 70 -19.69 14.76 7.24
C PHE A 70 -21.00 14.95 6.49
N THR A 71 -20.92 15.41 5.23
CA THR A 71 -22.07 15.56 4.40
C THR A 71 -21.71 14.95 3.05
N ILE A 72 -22.47 13.95 2.66
CA ILE A 72 -22.31 13.33 1.33
C ILE A 72 -23.26 14.02 0.38
N SER A 73 -22.86 14.25 -0.89
CA SER A 73 -23.73 14.91 -1.82
C SER A 73 -23.28 14.50 -3.22
N ARG A 74 -24.08 14.84 -4.21
CA ARG A 74 -23.75 14.47 -5.61
C ARG A 74 -24.21 15.51 -6.58
N ASP A 75 -23.59 15.55 -7.76
CA ASP A 75 -24.05 16.40 -8.82
C ASP A 75 -24.21 15.50 -10.04
N ASP A 76 -25.45 15.10 -10.30
CA ASP A 76 -25.72 14.12 -11.36
C ASP A 76 -25.32 14.68 -12.73
N SER A 77 -25.52 15.97 -12.97
CA SER A 77 -25.16 16.56 -14.27
C SER A 77 -23.68 16.39 -14.62
N GLN A 78 -22.79 16.42 -13.61
CA GLN A 78 -21.36 16.25 -13.80
C GLN A 78 -20.84 14.86 -13.44
N SER A 79 -21.77 13.98 -13.08
CA SER A 79 -21.44 12.64 -12.58
C SER A 79 -20.35 12.70 -11.52
N MET A 80 -20.61 13.51 -10.48
CA MET A 80 -19.68 13.75 -9.40
C MET A 80 -20.30 13.35 -8.06
N LEU A 81 -19.47 12.73 -7.23
CA LEU A 81 -19.82 12.48 -5.80
C LEU A 81 -18.89 13.32 -4.93
N TYR A 82 -19.42 13.82 -3.81
CA TYR A 82 -18.65 14.65 -2.90
C TYR A 82 -18.75 14.15 -1.48
N LEU A 83 -17.72 14.43 -0.70
CA LEU A 83 -17.77 14.27 0.78
C LEU A 83 -17.17 15.48 1.43
N GLN A 84 -18.02 16.24 2.10
CA GLN A 84 -17.56 17.40 2.84
C GLN A 84 -17.31 16.89 4.24
N MET A 85 -16.09 17.10 4.74
CA MET A 85 -15.72 16.58 6.03
C MET A 85 -15.41 17.78 6.91
N ASN A 86 -16.14 17.90 8.02
CA ASN A 86 -15.92 18.98 8.95
C ASN A 86 -15.55 18.43 10.31
N ASN A 87 -15.02 19.34 11.13
CA ASN A 87 -14.57 19.04 12.49
C ASN A 87 -13.78 17.77 12.52
N LEU A 88 -12.73 17.72 11.69
CA LEU A 88 -11.97 16.52 11.51
C LEU A 88 -11.17 16.08 12.75
N LYS A 89 -11.02 14.77 12.89
CA LYS A 89 -10.31 14.16 14.02
C LYS A 89 -9.18 13.29 13.54
N THR A 90 -8.16 13.12 14.39
CA THR A 90 -7.03 12.22 14.10
C THR A 90 -7.47 10.89 13.52
N GLU A 91 -8.48 10.28 14.12
CA GLU A 91 -8.96 8.95 13.72
C GLU A 91 -9.80 8.96 12.43
N ASP A 92 -9.99 10.12 11.82
CA ASP A 92 -10.50 10.21 10.44
C ASP A 92 -9.40 10.02 9.40
N THR A 93 -8.15 9.95 9.84
CA THR A 93 -7.02 9.66 8.96
C THR A 93 -7.24 8.30 8.28
N ALA A 94 -7.29 8.32 6.95
CA ALA A 94 -7.60 7.13 6.18
C ALA A 94 -7.49 7.36 4.68
N MET A 95 -7.43 6.26 3.95
CA MET A 95 -7.68 6.27 2.50
C MET A 95 -9.21 6.25 2.32
N TYR A 96 -9.72 7.16 1.51
CA TYR A 96 -11.15 7.28 1.25
C TYR A 96 -11.47 6.84 -0.18
N TYR A 97 -12.37 5.86 -0.29
CA TYR A 97 -12.74 5.26 -1.57
C TYR A 97 -14.16 5.66 -1.93
N CYS A 98 -14.31 6.10 -3.17
CA CYS A 98 -15.59 6.31 -3.82
C CYS A 98 -16.06 4.96 -4.31
N VAL A 99 -17.32 4.63 -4.03
CA VAL A 99 -17.81 3.27 -4.23
C VAL A 99 -19.22 3.33 -4.84
N ARG A 100 -19.44 2.64 -5.95
CA ARG A 100 -20.80 2.57 -6.53
C ARG A 100 -21.55 1.41 -5.89
N HIS A 101 -22.79 1.67 -5.49
CA HIS A 101 -23.63 0.64 -4.88
C HIS A 101 -24.03 -0.44 -5.88
N ARG A 102 -24.42 -1.60 -5.35
CA ARG A 102 -24.99 -2.63 -6.21
C ARG A 102 -26.23 -2.10 -6.93
N GLY A 103 -26.55 -2.70 -8.06
CA GLY A 103 -27.71 -2.27 -8.86
C GLY A 103 -29.05 -2.76 -8.38
N ALA A 104 -29.93 -3.01 -9.35
CA ALA A 104 -31.32 -3.28 -9.07
C ALA A 104 -31.47 -4.44 -8.08
N PRO A 105 -32.11 -4.20 -6.94
CA PRO A 105 -32.19 -5.29 -6.00
C PRO A 105 -33.07 -6.47 -6.43
N LEU A 106 -34.01 -6.27 -7.35
CA LEU A 106 -34.75 -7.43 -7.89
C LEU A 106 -33.80 -8.49 -8.48
N TYR A 107 -32.70 -8.05 -9.08
CA TYR A 107 -31.70 -8.94 -9.67
C TYR A 107 -30.56 -9.27 -8.70
N TYR A 108 -30.12 -8.28 -7.95
CA TYR A 108 -28.89 -8.38 -7.17
C TYR A 108 -29.10 -8.61 -5.66
N GLY A 109 -30.35 -8.73 -5.24
CA GLY A 109 -30.72 -8.85 -3.82
C GLY A 109 -30.86 -7.56 -3.08
N ASN A 110 -31.70 -7.54 -2.03
CA ASN A 110 -31.93 -6.33 -1.27
C ASN A 110 -30.70 -5.84 -0.50
N GLY A 111 -29.92 -6.77 -0.01
CA GLY A 111 -28.80 -6.45 0.84
C GLY A 111 -27.81 -5.57 0.11
N ALA A 112 -27.24 -4.66 0.86
CA ALA A 112 -26.29 -3.71 0.33
C ALA A 112 -24.93 -4.37 0.06
N TRP A 113 -24.34 -4.04 -1.07
CA TRP A 113 -22.95 -4.37 -1.35
C TRP A 113 -22.39 -3.39 -2.36
N PHE A 114 -21.09 -3.46 -2.55
CA PHE A 114 -20.32 -2.37 -3.15
C PHE A 114 -19.68 -2.86 -4.42
N ALA A 115 -20.28 -2.48 -5.53
CA ALA A 115 -20.02 -3.09 -6.81
C ALA A 115 -18.74 -2.63 -7.52
N TYR A 116 -18.40 -1.35 -7.42
CA TYR A 116 -17.22 -0.80 -8.07
C TYR A 116 -16.54 0.14 -7.09
N TRP A 117 -15.22 0.11 -7.09
CA TRP A 117 -14.44 0.90 -6.16
C TRP A 117 -13.40 1.74 -6.89
N GLY A 118 -13.22 2.98 -6.45
CA GLY A 118 -12.09 3.80 -6.90
C GLY A 118 -10.79 3.36 -6.22
N GLN A 119 -9.68 4.02 -6.56
CA GLN A 119 -8.36 3.68 -6.04
C GLN A 119 -8.08 4.42 -4.71
N GLY A 120 -8.91 5.41 -4.41
CA GLY A 120 -8.85 6.11 -3.11
C GLY A 120 -8.06 7.42 -3.16
N THR A 121 -8.37 8.29 -2.21
CA THR A 121 -7.62 9.53 -1.95
C THR A 121 -7.25 9.54 -0.44
N LEU A 122 -6.01 9.92 -0.11
CA LEU A 122 -5.52 9.78 1.28
C LEU A 122 -5.76 11.08 2.02
N VAL A 123 -6.34 10.97 3.22
CA VAL A 123 -6.61 12.11 4.06
C VAL A 123 -5.82 11.90 5.36
N THR A 124 -5.05 12.94 5.73
CA THR A 124 -4.21 12.89 6.92
C THR A 124 -4.61 14.06 7.81
N VAL A 125 -5.05 13.72 9.03
CA VAL A 125 -5.45 14.71 10.02
C VAL A 125 -4.35 14.72 11.07
N SER A 126 -3.64 15.83 11.14
CA SER A 126 -2.44 15.90 11.98
C SER A 126 -2.08 17.33 12.27
N ALA A 127 -1.44 17.54 13.43
CA ALA A 127 -0.99 18.86 13.83
C ALA A 127 0.30 19.27 13.11
N ALA A 128 1.04 18.30 12.61
CA ALA A 128 2.36 18.52 12.01
C ALA A 128 2.26 19.24 10.67
N LYS A 129 3.30 19.98 10.30
CA LYS A 129 3.26 20.79 9.07
C LYS A 129 3.79 20.03 7.87
N THR A 130 3.40 20.45 6.69
CA THR A 130 3.91 19.88 5.46
C THR A 130 5.42 20.10 5.40
N THR A 131 6.15 19.04 5.09
CA THR A 131 7.60 19.08 4.96
C THR A 131 7.97 18.30 3.70
N PRO A 132 8.56 18.99 2.71
CA PRO A 132 8.93 18.29 1.49
C PRO A 132 10.13 17.37 1.71
N PRO A 133 10.29 16.34 0.86
CA PRO A 133 11.36 15.35 1.03
C PRO A 133 12.72 15.80 0.52
N SER A 134 13.80 15.42 1.20
CA SER A 134 15.13 15.46 0.58
C SER A 134 15.27 14.20 -0.24
N VAL A 135 15.68 14.34 -1.48
CA VAL A 135 15.86 13.21 -2.36
C VAL A 135 17.35 13.04 -2.65
N TYR A 136 17.85 11.83 -2.46
CA TYR A 136 19.27 11.53 -2.69
C TYR A 136 19.41 10.32 -3.61
N PRO A 137 20.37 10.35 -4.55
CA PRO A 137 20.55 9.18 -5.39
C PRO A 137 21.41 8.12 -4.70
N LEU A 138 21.09 6.87 -5.00
CA LEU A 138 21.80 5.73 -4.47
C LEU A 138 22.48 5.09 -5.68
N ALA A 139 23.78 5.34 -5.80
CA ALA A 139 24.60 4.83 -6.90
C ALA A 139 25.70 3.91 -6.39
N PRO A 140 26.01 2.85 -7.15
CA PRO A 140 27.11 1.97 -6.75
C PRO A 140 28.44 2.71 -6.82
N GLY A 141 29.19 2.72 -5.72
CA GLY A 141 30.52 3.30 -5.70
C GLY A 141 31.47 2.55 -6.63
N CYS A 142 32.65 3.11 -6.85
CA CYS A 142 33.68 2.43 -7.64
C CYS A 142 34.18 1.20 -6.86
N GLY A 143 33.95 0.02 -7.44
CA GLY A 143 34.25 -1.24 -6.77
C GLY A 143 33.89 -2.43 -7.64
N ASP A 144 33.68 -3.59 -7.00
CA ASP A 144 33.37 -4.85 -7.69
C ASP A 144 32.15 -4.75 -8.62
N THR A 145 32.12 -5.57 -9.67
CA THR A 145 31.04 -5.57 -10.66
C THR A 145 30.47 -6.98 -10.92
N THR A 146 29.16 -7.13 -10.68
CA THR A 146 28.44 -8.35 -11.07
C THR A 146 27.88 -8.12 -12.48
N GLY A 147 28.55 -8.72 -13.46
CA GLY A 147 28.29 -8.47 -14.87
C GLY A 147 26.83 -8.39 -15.30
N SER A 148 26.00 -9.31 -14.82
CA SER A 148 24.64 -9.44 -15.32
C SER A 148 23.79 -8.18 -15.10
N SER A 149 23.70 -7.72 -13.84
CA SER A 149 22.79 -6.64 -13.48
C SER A 149 23.40 -5.60 -12.56
N VAL A 150 22.81 -4.41 -12.59
CA VAL A 150 23.10 -3.37 -11.60
C VAL A 150 21.78 -2.90 -11.00
N THR A 151 21.84 -2.60 -9.71
CA THR A 151 20.69 -2.10 -8.98
C THR A 151 21.01 -0.67 -8.50
N SER A 152 20.14 0.27 -8.88
CA SER A 152 20.25 1.65 -8.47
C SER A 152 19.03 2.01 -7.61
N GLY A 153 19.10 3.14 -6.90
CA GLY A 153 17.97 3.56 -6.07
C GLY A 153 17.87 5.04 -5.79
N CYS A 154 16.81 5.41 -5.07
CA CYS A 154 16.59 6.77 -4.62
C CYS A 154 16.04 6.75 -3.22
N LEU A 155 16.67 7.53 -2.34
CA LEU A 155 16.27 7.67 -0.95
C LEU A 155 15.46 8.94 -0.81
N VAL A 156 14.30 8.82 -0.15
CA VAL A 156 13.35 9.92 -0.01
C VAL A 156 13.11 10.14 1.46
N LYS A 157 13.65 11.24 1.97
CA LYS A 157 13.84 11.37 3.40
C LYS A 157 13.16 12.56 4.01
N GLY A 158 12.53 12.33 5.16
CA GLY A 158 12.12 13.40 6.06
C GLY A 158 10.99 14.25 5.52
N TYR A 159 9.93 13.59 5.03
CA TYR A 159 8.75 14.29 4.50
C TYR A 159 7.51 14.05 5.34
N PHE A 160 6.53 14.94 5.15
CA PHE A 160 5.23 14.79 5.75
C PHE A 160 4.25 15.65 4.95
N PRO A 161 3.02 15.19 4.74
CA PRO A 161 2.52 13.85 5.06
C PRO A 161 2.83 12.82 3.97
N GLU A 162 2.29 11.61 4.10
CA GLU A 162 2.25 10.69 2.99
C GLU A 162 1.33 11.27 1.91
N SER A 163 1.50 10.86 0.66
CA SER A 163 2.53 9.91 0.29
C SER A 163 3.35 10.50 -0.83
N VAL A 164 4.35 9.73 -1.27
CA VAL A 164 5.13 10.13 -2.44
C VAL A 164 4.96 9.06 -3.49
N THR A 165 5.32 9.40 -4.71
CA THR A 165 5.41 8.41 -5.76
C THR A 165 6.75 8.58 -6.43
N VAL A 166 7.44 7.46 -6.64
CA VAL A 166 8.70 7.47 -7.35
C VAL A 166 8.50 6.72 -8.65
N THR A 167 8.84 7.34 -9.77
CA THR A 167 8.84 6.66 -11.07
C THR A 167 10.26 6.66 -11.64
N TRP A 168 10.55 5.65 -12.45
CA TRP A 168 11.88 5.49 -13.03
C TRP A 168 11.76 5.65 -14.53
N ASN A 169 12.53 6.58 -15.09
CA ASN A 169 12.47 6.90 -16.52
C ASN A 169 11.03 7.09 -17.02
N SER A 170 10.33 8.00 -16.35
CA SER A 170 8.96 8.41 -16.72
C SER A 170 8.00 7.22 -16.89
N GLY A 171 8.16 6.22 -16.01
CA GLY A 171 7.28 5.05 -16.01
C GLY A 171 7.61 3.98 -17.05
N SER A 172 8.72 4.15 -17.76
CA SER A 172 9.11 3.19 -18.80
C SER A 172 9.60 1.88 -18.19
N LEU A 173 10.30 1.98 -17.06
CA LEU A 173 10.77 0.80 -16.32
C LEU A 173 9.83 0.49 -15.15
N SER A 174 9.23 -0.70 -15.20
CA SER A 174 8.25 -1.13 -14.18
C SER A 174 8.60 -2.48 -13.54
N SER A 175 9.01 -3.46 -14.36
CA SER A 175 9.28 -4.82 -13.90
C SER A 175 10.18 -4.87 -12.67
N SER A 176 11.36 -4.26 -12.78
CA SER A 176 12.40 -4.45 -11.78
C SER A 176 12.42 -3.40 -10.68
N VAL A 177 11.35 -2.60 -10.56
CA VAL A 177 11.30 -1.61 -9.50
C VAL A 177 10.69 -2.21 -8.23
N HIS A 178 11.30 -1.90 -7.10
CA HIS A 178 10.73 -2.19 -5.81
C HIS A 178 10.50 -0.87 -5.11
N THR A 179 9.36 -0.78 -4.45
CA THR A 179 8.97 0.40 -3.71
C THR A 179 8.90 -0.01 -2.24
N PHE A 180 9.70 0.63 -1.39
CA PHE A 180 9.71 0.28 0.03
C PHE A 180 8.79 1.17 0.83
N PRO A 181 7.80 0.57 1.52
CA PRO A 181 6.87 1.36 2.29
C PRO A 181 7.55 2.36 3.21
N ALA A 182 6.95 3.54 3.30
CA ALA A 182 7.46 4.59 4.16
C ALA A 182 7.38 4.21 5.62
N LEU A 183 8.38 4.63 6.39
CA LEU A 183 8.37 4.44 7.84
C LEU A 183 8.47 5.79 8.51
N LEU A 184 7.75 5.94 9.63
CA LEU A 184 7.68 7.21 10.36
C LEU A 184 8.79 7.24 11.40
N GLN A 185 9.68 8.22 11.30
CA GLN A 185 10.77 8.37 12.26
C GLN A 185 10.79 9.80 12.76
N SER A 186 10.52 9.98 14.06
CA SER A 186 10.55 11.29 14.71
C SER A 186 9.68 12.34 13.97
N GLY A 187 8.44 11.96 13.68
CA GLY A 187 7.47 12.86 13.06
C GLY A 187 7.58 13.03 11.54
N LEU A 188 8.56 12.39 10.91
CA LEU A 188 8.79 12.52 9.46
C LEU A 188 8.96 11.15 8.79
N TYR A 189 8.50 11.04 7.54
CA TYR A 189 8.50 9.77 6.79
C TYR A 189 9.77 9.64 5.98
N THR A 190 10.22 8.40 5.80
CA THR A 190 11.30 8.09 4.87
C THR A 190 10.95 6.82 4.10
N MET A 191 11.18 6.82 2.81
CA MET A 191 10.99 5.64 1.99
C MET A 191 12.11 5.56 0.98
N SER A 192 12.20 4.43 0.30
CA SER A 192 13.19 4.28 -0.76
C SER A 192 12.62 3.49 -1.91
N SER A 193 13.31 3.52 -3.04
CA SER A 193 12.89 2.81 -4.22
C SER A 193 14.13 2.36 -4.97
N SER A 194 14.07 1.13 -5.50
CA SER A 194 15.18 0.54 -6.22
C SER A 194 14.73 0.12 -7.61
N VAL A 195 15.67 0.16 -8.53
CA VAL A 195 15.45 -0.35 -9.87
C VAL A 195 16.65 -1.20 -10.25
N THR A 196 16.41 -2.22 -11.05
CA THR A 196 17.47 -3.14 -11.47
C THR A 196 17.39 -3.33 -12.99
N VAL A 197 18.53 -3.11 -13.66
CA VAL A 197 18.59 -3.14 -15.13
C VAL A 197 19.79 -3.98 -15.60
N PRO A 198 19.80 -4.34 -16.89
CA PRO A 198 20.99 -4.97 -17.46
C PRO A 198 22.19 -4.03 -17.40
N SER A 199 23.34 -4.54 -16.97
CA SER A 199 24.53 -3.70 -16.73
C SER A 199 25.17 -3.14 -18.00
N SER A 200 24.73 -3.65 -19.16
CA SER A 200 25.08 -3.04 -20.44
C SER A 200 24.47 -1.64 -20.55
N THR A 201 23.16 -1.55 -20.30
CA THR A 201 22.41 -0.31 -20.50
C THR A 201 22.63 0.80 -19.45
N TRP A 202 23.59 0.63 -18.53
CA TRP A 202 23.92 1.70 -17.60
C TRP A 202 25.37 1.51 -17.12
N PRO A 203 26.18 2.58 -17.08
CA PRO A 203 25.76 3.98 -17.27
C PRO A 203 25.57 4.46 -18.72
N SER A 204 25.95 3.65 -19.70
CA SER A 204 25.83 4.04 -21.11
C SER A 204 24.53 4.78 -21.40
N GLU A 205 23.42 4.16 -20.99
CA GLU A 205 22.09 4.73 -21.14
C GLU A 205 21.71 5.38 -19.81
N THR A 206 20.78 6.34 -19.83
CA THR A 206 20.47 7.14 -18.64
C THR A 206 19.33 6.56 -17.79
N VAL A 207 19.42 6.76 -16.47
CA VAL A 207 18.38 6.33 -15.53
C VAL A 207 18.09 7.45 -14.53
N THR A 208 16.81 7.82 -14.44
CA THR A 208 16.37 8.93 -13.58
C THR A 208 15.17 8.55 -12.70
N CYS A 209 15.26 8.87 -11.42
CA CYS A 209 14.08 8.75 -10.55
C CYS A 209 13.38 10.09 -10.44
N SER A 210 12.06 10.10 -10.60
CA SER A 210 11.22 11.28 -10.39
C SER A 210 10.34 11.10 -9.16
N VAL A 211 10.51 11.98 -8.19
CA VAL A 211 9.83 11.90 -6.90
C VAL A 211 8.81 13.02 -6.79
N ALA A 212 7.54 12.65 -6.68
CA ALA A 212 6.44 13.58 -6.49
C ALA A 212 5.96 13.52 -5.07
N HIS A 213 5.83 14.69 -4.43
CA HIS A 213 5.17 14.84 -3.16
C HIS A 213 4.11 15.94 -3.33
N PRO A 214 2.94 15.56 -3.86
CA PRO A 214 1.86 16.52 -4.13
C PRO A 214 1.52 17.43 -2.94
N ALA A 215 1.58 16.91 -1.72
CA ALA A 215 1.24 17.70 -0.56
C ALA A 215 2.12 18.96 -0.42
N SER A 216 3.37 18.89 -0.88
CA SER A 216 4.26 20.05 -0.84
C SER A 216 4.56 20.63 -2.23
N SER A 217 3.78 20.23 -3.23
CA SER A 217 3.92 20.70 -4.61
C SER A 217 5.28 20.42 -5.21
N THR A 218 5.99 19.42 -4.66
CA THR A 218 7.35 19.17 -5.10
C THR A 218 7.41 17.97 -6.03
N THR A 219 8.25 18.15 -7.04
CA THR A 219 8.74 17.07 -7.87
C THR A 219 10.24 17.29 -7.96
N VAL A 220 11.01 16.24 -7.71
CA VAL A 220 12.47 16.31 -7.79
C VAL A 220 12.94 15.14 -8.62
N ASP A 221 13.88 15.38 -9.54
CA ASP A 221 14.48 14.29 -10.36
C ASP A 221 15.93 14.15 -10.05
N LYS A 222 16.40 12.93 -9.83
CA LYS A 222 17.82 12.66 -9.71
C LYS A 222 18.24 11.74 -10.84
N LYS A 223 19.07 12.28 -11.73
CA LYS A 223 19.78 11.51 -12.73
C LYS A 223 20.89 10.74 -12.04
N LEU A 224 20.96 9.42 -12.24
CA LEU A 224 21.93 8.61 -11.50
C LEU A 224 23.26 8.46 -12.23
N GLU A 225 24.35 8.72 -11.50
CA GLU A 225 25.70 8.88 -12.06
C GLU A 225 26.71 7.96 -11.37
N PRO A 226 27.66 7.39 -12.14
CA PRO A 226 28.82 6.73 -11.52
C PRO A 226 29.70 7.73 -10.77
N ASP B 1 -24.96 -2.21 16.60
CA ASP B 1 -24.31 -2.53 15.30
C ASP B 1 -24.02 -4.01 15.22
N ILE B 2 -23.95 -4.52 13.99
CA ILE B 2 -23.61 -5.91 13.79
C ILE B 2 -22.09 -6.01 13.66
N GLN B 3 -21.48 -6.78 14.57
CA GLN B 3 -20.04 -7.01 14.54
C GLN B 3 -19.72 -8.20 13.65
N MET B 4 -18.78 -8.00 12.73
CA MET B 4 -18.33 -9.05 11.84
C MET B 4 -16.94 -9.46 12.26
N THR B 5 -16.72 -10.74 12.47
CA THR B 5 -15.45 -11.26 12.96
C THR B 5 -14.88 -12.23 11.98
N GLN B 6 -13.66 -11.94 11.55
CA GLN B 6 -12.85 -12.91 10.84
C GLN B 6 -11.75 -13.31 11.81
N SER B 7 -11.90 -14.47 12.45
CA SER B 7 -11.02 -14.85 13.55
C SER B 7 -9.58 -15.10 13.09
N THR B 8 -9.39 -15.47 11.82
CA THR B 8 -8.06 -15.60 11.25
C THR B 8 -7.70 -14.29 10.52
N SER B 9 -6.67 -13.59 11.00
CA SER B 9 -6.30 -12.31 10.39
C SER B 9 -5.21 -12.49 9.32
N SER B 10 -4.57 -13.65 9.30
CA SER B 10 -3.55 -13.94 8.31
C SER B 10 -3.32 -15.42 8.17
N LEU B 11 -2.99 -15.84 6.95
CA LEU B 11 -2.56 -17.22 6.72
C LEU B 11 -1.72 -17.35 5.47
N SER B 12 -1.06 -18.49 5.35
CA SER B 12 -0.14 -18.76 4.29
C SER B 12 -0.57 -20.06 3.65
N ALA B 13 -0.54 -20.14 2.31
CA ALA B 13 -0.97 -21.35 1.61
C ALA B 13 -0.13 -21.50 0.36
N SER B 14 -0.11 -22.70 -0.20
CA SER B 14 0.66 -22.96 -1.40
C SER B 14 -0.26 -22.92 -2.60
N LEU B 15 0.34 -22.75 -3.78
CA LEU B 15 -0.37 -22.80 -5.03
C LEU B 15 -1.09 -24.12 -5.18
N GLY B 16 -2.37 -24.07 -5.55
CA GLY B 16 -3.15 -25.29 -5.69
C GLY B 16 -3.93 -25.68 -4.45
N ASP B 17 -3.60 -25.10 -3.31
CA ASP B 17 -4.34 -25.37 -2.06
C ASP B 17 -5.79 -24.87 -2.05
N ARG B 18 -6.59 -25.50 -1.20
CA ARG B 18 -7.89 -24.96 -0.78
C ARG B 18 -7.68 -23.96 0.34
N VAL B 19 -8.17 -22.75 0.18
CA VAL B 19 -8.12 -21.74 1.25
C VAL B 19 -9.56 -21.47 1.68
N THR B 20 -9.80 -21.54 2.99
CA THR B 20 -11.08 -21.26 3.57
C THR B 20 -10.91 -20.11 4.55
N ILE B 21 -11.69 -19.06 4.33
CA ILE B 21 -11.70 -17.86 5.17
C ILE B 21 -13.10 -17.74 5.74
N SER B 22 -13.22 -17.58 7.05
CA SER B 22 -14.55 -17.56 7.63
C SER B 22 -14.89 -16.23 8.27
N CYS B 23 -16.19 -16.04 8.48
CA CYS B 23 -16.71 -14.79 8.89
C CYS B 23 -17.89 -15.13 9.80
N ARG B 24 -17.91 -14.55 10.99
CA ARG B 24 -19.06 -14.68 11.90
C ARG B 24 -19.71 -13.33 12.15
N ALA B 25 -21.04 -13.28 12.07
CA ALA B 25 -21.79 -12.08 12.41
C ALA B 25 -22.35 -12.21 13.83
N SER B 26 -22.52 -11.07 14.50
CA SER B 26 -23.02 -11.05 15.89
C SER B 26 -24.53 -11.33 15.98
N GLN B 27 -25.25 -11.16 14.87
CA GLN B 27 -26.67 -11.53 14.77
C GLN B 27 -26.92 -12.13 13.38
N ASP B 28 -28.06 -12.78 13.23
CA ASP B 28 -28.51 -13.26 11.92
C ASP B 28 -28.52 -12.09 10.92
N ILE B 29 -27.92 -12.31 9.75
CA ILE B 29 -27.85 -11.31 8.69
C ILE B 29 -28.57 -11.77 7.40
N SER B 30 -29.40 -12.81 7.51
CA SER B 30 -30.25 -13.27 6.41
C SER B 30 -29.52 -13.44 5.06
N ASN B 31 -28.35 -14.05 5.09
CA ASN B 31 -27.51 -14.29 3.91
C ASN B 31 -27.04 -13.05 3.15
N TYR B 32 -27.23 -11.85 3.70
CA TYR B 32 -26.74 -10.64 3.04
C TYR B 32 -25.28 -10.41 3.48
N LEU B 33 -24.43 -11.26 2.93
CA LEU B 33 -23.03 -11.35 3.29
C LEU B 33 -22.23 -11.40 2.00
N ASN B 34 -21.26 -10.49 1.89
CA ASN B 34 -20.53 -10.29 0.67
C ASN B 34 -19.03 -10.37 0.97
N TRP B 35 -18.25 -10.74 -0.03
CA TRP B 35 -16.80 -10.86 0.11
C TRP B 35 -16.03 -9.97 -0.86
N TYR B 36 -14.98 -9.33 -0.37
CA TYR B 36 -14.10 -8.48 -1.21
C TYR B 36 -12.65 -8.90 -1.15
N GLN B 37 -11.94 -8.61 -2.24
CA GLN B 37 -10.52 -8.81 -2.35
C GLN B 37 -9.85 -7.46 -2.45
N GLN B 38 -8.86 -7.24 -1.55
CA GLN B 38 -7.99 -6.06 -1.65
C GLN B 38 -6.57 -6.48 -1.98
N LYS B 39 -6.13 -6.16 -3.20
CA LYS B 39 -4.76 -6.42 -3.59
C LYS B 39 -3.72 -5.62 -2.74
N PRO B 40 -2.46 -6.07 -2.73
CA PRO B 40 -1.44 -5.35 -1.95
C PRO B 40 -1.37 -3.85 -2.31
N ASP B 41 -1.59 -3.53 -3.58
CA ASP B 41 -1.55 -2.14 -4.03
C ASP B 41 -2.79 -1.32 -3.60
N GLY B 42 -3.75 -1.93 -2.92
CA GLY B 42 -4.93 -1.24 -2.42
C GLY B 42 -6.21 -1.39 -3.23
N THR B 43 -6.12 -2.00 -4.42
CA THR B 43 -7.24 -2.14 -5.32
C THR B 43 -8.26 -3.11 -4.72
N VAL B 44 -9.51 -2.65 -4.61
CA VAL B 44 -10.61 -3.47 -4.04
C VAL B 44 -11.56 -3.92 -5.13
N LYS B 45 -11.93 -5.20 -5.12
CA LYS B 45 -13.06 -5.65 -5.93
C LYS B 45 -13.95 -6.60 -5.18
N VAL B 46 -15.22 -6.66 -5.57
CA VAL B 46 -16.17 -7.61 -5.01
C VAL B 46 -15.98 -8.98 -5.68
N LEU B 47 -16.07 -10.03 -4.88
CA LEU B 47 -15.94 -11.40 -5.35
C LEU B 47 -17.28 -12.13 -5.38
N ILE B 48 -17.96 -12.10 -4.24
CA ILE B 48 -19.16 -12.87 -3.98
C ILE B 48 -20.14 -11.95 -3.30
N TYR B 49 -21.42 -12.00 -3.69
CA TYR B 49 -22.48 -11.30 -2.97
C TYR B 49 -23.63 -12.24 -2.65
N TYR B 50 -24.44 -11.82 -1.69
CA TYR B 50 -25.61 -12.60 -1.27
C TYR B 50 -25.19 -14.02 -0.94
N THR B 51 -24.16 -14.12 -0.11
CA THR B 51 -23.54 -15.38 0.36
C THR B 51 -22.79 -16.19 -0.67
N SER B 52 -23.42 -16.50 -1.80
CA SER B 52 -22.86 -17.43 -2.74
C SER B 52 -22.88 -17.01 -4.21
N ARG B 53 -23.38 -15.83 -4.54
CA ARG B 53 -23.46 -15.45 -5.93
C ARG B 53 -22.13 -14.91 -6.42
N LEU B 54 -21.62 -15.50 -7.47
CA LEU B 54 -20.34 -15.10 -8.01
C LEU B 54 -20.50 -13.87 -8.90
N ARG B 55 -19.73 -12.83 -8.60
CA ARG B 55 -19.74 -11.61 -9.41
C ARG B 55 -19.26 -11.92 -10.83
N SER B 56 -19.99 -11.38 -11.80
CA SER B 56 -19.56 -11.51 -13.19
C SER B 56 -18.13 -11.04 -13.40
N GLY B 57 -17.34 -11.87 -14.05
CA GLY B 57 -15.92 -11.62 -14.31
C GLY B 57 -14.93 -12.13 -13.27
N VAL B 58 -15.45 -12.59 -12.14
CA VAL B 58 -14.61 -13.13 -11.11
C VAL B 58 -14.46 -14.65 -11.38
N PRO B 59 -13.23 -15.20 -11.27
CA PRO B 59 -12.98 -16.63 -11.55
C PRO B 59 -13.79 -17.56 -10.68
N SER B 60 -14.17 -18.71 -11.23
CA SER B 60 -15.07 -19.64 -10.55
C SER B 60 -14.44 -20.32 -9.33
N ARG B 61 -13.11 -20.22 -9.20
CA ARG B 61 -12.45 -20.77 -8.01
C ARG B 61 -12.86 -20.11 -6.69
N PHE B 62 -13.44 -18.91 -6.75
CA PHE B 62 -14.05 -18.26 -5.60
C PHE B 62 -15.50 -18.71 -5.40
N SER B 63 -15.81 -19.21 -4.21
CA SER B 63 -17.16 -19.58 -3.88
C SER B 63 -17.46 -19.21 -2.46
N GLY B 64 -18.74 -19.03 -2.16
CA GLY B 64 -19.18 -18.60 -0.84
C GLY B 64 -20.24 -19.55 -0.32
N SER B 65 -20.28 -19.72 1.00
CA SER B 65 -21.31 -20.53 1.62
C SER B 65 -21.68 -19.93 2.94
N GLY B 66 -22.81 -20.40 3.49
CA GLY B 66 -23.18 -20.05 4.85
C GLY B 66 -24.63 -19.70 5.01
N SER B 67 -25.01 -19.49 6.26
CA SER B 67 -26.33 -18.99 6.61
C SER B 67 -26.30 -18.56 8.06
N GLY B 68 -27.30 -17.78 8.45
CA GLY B 68 -27.44 -17.32 9.81
C GLY B 68 -26.36 -16.34 10.19
N THR B 69 -25.47 -16.78 11.06
CA THR B 69 -24.37 -15.95 11.49
C THR B 69 -23.04 -16.39 10.91
N ASP B 70 -22.98 -17.57 10.30
CA ASP B 70 -21.72 -18.19 9.93
C ASP B 70 -21.54 -18.36 8.45
N TYR B 71 -20.44 -17.81 7.93
CA TYR B 71 -20.18 -17.80 6.49
C TYR B 71 -18.73 -18.11 6.19
N SER B 72 -18.48 -18.60 4.98
CA SER B 72 -17.14 -18.93 4.51
C SER B 72 -16.93 -18.56 3.07
N LEU B 73 -15.74 -18.07 2.79
CA LEU B 73 -15.23 -17.90 1.44
C LEU B 73 -14.25 -19.02 1.19
N THR B 74 -14.42 -19.71 0.07
CA THR B 74 -13.46 -20.71 -0.32
C THR B 74 -12.78 -20.33 -1.63
N ILE B 75 -11.47 -20.41 -1.63
CA ILE B 75 -10.68 -20.34 -2.86
C ILE B 75 -10.20 -21.74 -3.18
N SER B 76 -10.72 -22.33 -4.26
CA SER B 76 -10.29 -23.63 -4.69
C SER B 76 -9.09 -23.41 -5.58
N ASN B 77 -8.15 -24.33 -5.54
CA ASN B 77 -7.00 -24.33 -6.44
C ASN B 77 -6.34 -22.95 -6.52
N LEU B 78 -5.82 -22.50 -5.40
CA LEU B 78 -5.19 -21.19 -5.27
C LEU B 78 -4.22 -20.87 -6.38
N GLU B 79 -4.34 -19.66 -6.93
CA GLU B 79 -3.41 -19.19 -7.96
C GLU B 79 -2.54 -18.04 -7.51
N GLN B 80 -1.45 -17.83 -8.24
CA GLN B 80 -0.44 -16.82 -7.90
C GLN B 80 -1.02 -15.41 -7.67
N GLU B 81 -2.00 -15.08 -8.50
CA GLU B 81 -2.63 -13.76 -8.48
C GLU B 81 -3.57 -13.52 -7.28
N ASP B 82 -3.72 -14.52 -6.42
CA ASP B 82 -4.67 -14.44 -5.31
C ASP B 82 -4.06 -13.86 -4.01
N ILE B 83 -2.79 -13.46 -4.02
CA ILE B 83 -2.20 -12.72 -2.90
C ILE B 83 -3.00 -11.43 -2.67
N ALA B 84 -3.56 -11.26 -1.48
CA ALA B 84 -4.51 -10.23 -1.18
C ALA B 84 -4.99 -10.33 0.27
N THR B 85 -5.75 -9.34 0.70
CA THR B 85 -6.48 -9.38 1.96
C THR B 85 -7.96 -9.49 1.61
N TYR B 86 -8.64 -10.44 2.25
CA TYR B 86 -10.04 -10.73 1.98
C TYR B 86 -10.93 -10.25 3.11
N PHE B 87 -12.03 -9.56 2.77
CA PHE B 87 -12.92 -8.96 3.75
C PHE B 87 -14.33 -9.45 3.50
N CYS B 88 -15.05 -9.76 4.59
CA CYS B 88 -16.48 -9.96 4.51
C CYS B 88 -17.20 -8.69 4.92
N GLN B 89 -18.47 -8.60 4.54
CA GLN B 89 -19.28 -7.43 4.80
C GLN B 89 -20.75 -7.81 4.83
N GLN B 90 -21.44 -7.43 5.89
CA GLN B 90 -22.90 -7.62 5.94
C GLN B 90 -23.62 -6.40 5.42
N GLY B 91 -24.66 -6.65 4.62
CA GLY B 91 -25.50 -5.59 4.08
C GLY B 91 -26.96 -5.75 4.49
N ASN B 92 -27.18 -6.33 5.66
CA ASN B 92 -28.54 -6.55 6.16
C ASN B 92 -29.06 -5.28 6.83
N THR B 93 -28.26 -4.67 7.68
CA THR B 93 -28.70 -3.46 8.37
C THR B 93 -27.59 -2.44 8.53
N LEU B 94 -27.98 -1.18 8.45
CA LEU B 94 -27.07 -0.05 8.66
C LEU B 94 -26.70 0.09 10.14
N PRO B 95 -25.47 0.49 10.45
CA PRO B 95 -24.41 0.72 9.47
C PRO B 95 -23.91 -0.59 8.88
N TRP B 96 -23.63 -0.60 7.58
CA TRP B 96 -23.03 -1.78 6.97
C TRP B 96 -21.60 -1.96 7.48
N THR B 97 -21.30 -3.16 7.96
CA THR B 97 -20.07 -3.41 8.65
C THR B 97 -19.25 -4.48 7.96
N PHE B 98 -17.94 -4.34 8.11
CA PHE B 98 -16.96 -5.24 7.52
C PHE B 98 -16.23 -6.02 8.60
N GLY B 99 -15.77 -7.21 8.24
CA GLY B 99 -14.82 -7.96 9.05
C GLY B 99 -13.45 -7.33 9.02
N GLY B 100 -12.55 -7.81 9.88
CA GLY B 100 -11.28 -7.17 10.04
C GLY B 100 -10.27 -7.49 8.97
N GLY B 101 -10.59 -8.46 8.11
CA GLY B 101 -9.72 -8.83 7.00
C GLY B 101 -8.85 -10.05 7.31
N THR B 102 -8.59 -10.84 6.27
CA THR B 102 -7.69 -11.98 6.33
C THR B 102 -6.65 -11.84 5.23
N LYS B 103 -5.40 -11.61 5.64
CA LYS B 103 -4.30 -11.45 4.70
C LYS B 103 -3.73 -12.79 4.28
N LEU B 104 -3.70 -13.03 2.97
CA LEU B 104 -3.23 -14.29 2.40
C LEU B 104 -1.86 -14.15 1.77
N GLU B 105 -0.88 -14.85 2.34
CA GLU B 105 0.45 -14.99 1.74
C GLU B 105 0.48 -16.31 0.99
N ILE B 106 1.16 -16.33 -0.15
CA ILE B 106 1.31 -17.55 -0.91
C ILE B 106 2.76 -18.03 -0.84
N LYS B 107 2.95 -19.30 -0.52
CA LYS B 107 4.28 -19.87 -0.41
C LYS B 107 4.95 -20.08 -1.76
N ARG B 108 6.28 -20.17 -1.72
CA ARG B 108 7.09 -20.49 -2.89
C ARG B 108 8.34 -21.14 -2.36
N ALA B 109 9.24 -21.54 -3.25
CA ALA B 109 10.50 -22.14 -2.84
C ALA B 109 11.41 -21.08 -2.23
N ASP B 110 12.23 -21.51 -1.30
CA ASP B 110 13.14 -20.59 -0.65
C ASP B 110 14.03 -19.90 -1.68
N ALA B 111 14.34 -18.63 -1.47
CA ALA B 111 15.18 -17.87 -2.39
C ALA B 111 16.06 -16.92 -1.60
N ALA B 112 17.36 -16.90 -1.91
CA ALA B 112 18.33 -16.02 -1.24
C ALA B 112 18.29 -14.59 -1.78
N PRO B 113 18.53 -13.59 -0.93
CA PRO B 113 18.41 -12.20 -1.36
C PRO B 113 19.57 -11.79 -2.27
N THR B 114 19.29 -10.92 -3.23
CA THR B 114 20.36 -10.22 -3.95
C THR B 114 20.63 -8.93 -3.18
N VAL B 115 21.86 -8.78 -2.70
CA VAL B 115 22.22 -7.68 -1.82
C VAL B 115 22.97 -6.58 -2.61
N SER B 116 22.63 -5.33 -2.32
CA SER B 116 23.30 -4.15 -2.88
C SER B 116 23.52 -3.11 -1.79
N ILE B 117 24.71 -2.50 -1.74
CA ILE B 117 25.01 -1.48 -0.74
C ILE B 117 25.31 -0.12 -1.43
N PHE B 118 25.03 0.99 -0.73
CA PHE B 118 25.16 2.33 -1.32
C PHE B 118 25.70 3.32 -0.31
N PRO B 119 26.78 4.02 -0.69
CA PRO B 119 27.35 5.03 0.17
C PRO B 119 26.48 6.28 0.19
N PRO B 120 26.64 7.15 1.20
CA PRO B 120 25.91 8.42 1.17
C PRO B 120 26.21 9.24 -0.09
N SER B 121 25.22 10.01 -0.54
CA SER B 121 25.38 10.92 -1.68
C SER B 121 26.21 12.12 -1.24
N SER B 122 26.91 12.76 -2.18
CA SER B 122 27.57 14.06 -1.91
C SER B 122 26.53 15.10 -1.46
N GLU B 123 25.33 15.03 -2.05
CA GLU B 123 24.27 15.98 -1.76
C GLU B 123 23.99 15.96 -0.27
N GLN B 124 23.82 14.75 0.28
CA GLN B 124 23.49 14.62 1.69
C GLN B 124 24.67 14.98 2.57
N LEU B 125 25.87 14.55 2.14
CA LEU B 125 27.09 14.82 2.89
C LEU B 125 27.24 16.34 3.09
N THR B 126 27.05 17.09 2.00
CA THR B 126 27.03 18.57 2.09
C THR B 126 26.06 19.11 3.13
N SER B 127 24.87 18.51 3.24
CA SER B 127 23.86 18.98 4.18
C SER B 127 24.17 18.64 5.64
N GLY B 128 25.22 17.86 5.90
CA GLY B 128 25.65 17.51 7.26
C GLY B 128 25.15 16.15 7.75
N GLY B 129 24.62 15.34 6.83
CA GLY B 129 24.05 14.03 7.17
C GLY B 129 24.66 12.90 6.36
N ALA B 130 24.54 11.67 6.89
CA ALA B 130 25.08 10.49 6.22
C ALA B 130 24.18 9.25 6.38
N SER B 131 23.54 8.87 5.27
CA SER B 131 22.67 7.70 5.21
C SER B 131 23.27 6.66 4.31
N VAL B 132 23.52 5.48 4.87
CA VAL B 132 24.01 4.37 4.08
C VAL B 132 22.83 3.41 3.91
N VAL B 133 22.74 2.83 2.72
CA VAL B 133 21.58 2.03 2.32
C VAL B 133 21.97 0.67 1.81
N CYS B 134 21.23 -0.34 2.29
CA CYS B 134 21.38 -1.70 1.83
C CYS B 134 20.02 -2.21 1.34
N PHE B 135 19.99 -2.75 0.12
CA PHE B 135 18.80 -3.42 -0.41
C PHE B 135 19.02 -4.94 -0.40
N LEU B 136 18.06 -5.67 0.18
CA LEU B 136 18.02 -7.14 0.05
C LEU B 136 16.78 -7.45 -0.77
N ASN B 137 16.96 -7.87 -2.00
CA ASN B 137 15.85 -8.04 -2.92
C ASN B 137 15.55 -9.51 -3.27
N ASN B 138 14.27 -9.79 -3.49
CA ASN B 138 13.78 -11.01 -4.11
C ASN B 138 14.10 -12.28 -3.31
N PHE B 139 13.75 -12.27 -2.03
CA PHE B 139 14.03 -13.40 -1.14
C PHE B 139 12.73 -14.03 -0.62
N TYR B 140 12.85 -15.25 -0.14
CA TYR B 140 11.73 -15.96 0.51
C TYR B 140 12.35 -17.05 1.42
N PRO B 141 11.89 -17.21 2.68
CA PRO B 141 10.74 -16.54 3.29
C PRO B 141 11.05 -15.14 3.79
N LYS B 142 10.02 -14.49 4.34
CA LYS B 142 10.05 -13.07 4.66
C LYS B 142 11.06 -12.73 5.75
N ASP B 143 11.19 -13.64 6.72
CA ASP B 143 12.07 -13.43 7.86
C ASP B 143 13.52 -13.30 7.37
N ILE B 144 14.18 -12.22 7.77
CA ILE B 144 15.58 -11.95 7.41
C ILE B 144 16.18 -10.99 8.44
N ASN B 145 17.48 -11.08 8.68
CA ASN B 145 18.17 -10.19 9.57
C ASN B 145 19.24 -9.43 8.82
N VAL B 146 19.32 -8.12 9.05
CA VAL B 146 20.38 -7.30 8.46
C VAL B 146 21.18 -6.68 9.61
N LYS B 147 22.50 -6.81 9.53
CA LYS B 147 23.39 -6.15 10.48
C LYS B 147 24.24 -5.16 9.70
N TRP B 148 24.49 -4.02 10.32
CA TRP B 148 25.43 -3.02 9.79
C TRP B 148 26.76 -3.15 10.51
N LYS B 149 27.85 -3.26 9.76
CA LYS B 149 29.20 -3.34 10.32
C LYS B 149 29.98 -2.11 9.88
N ILE B 150 30.34 -1.29 10.85
CA ILE B 150 31.23 -0.10 10.65
C ILE B 150 32.66 -0.40 11.16
N ASP B 151 33.63 -0.48 10.25
CA ASP B 151 35.02 -0.91 10.60
C ASP B 151 35.01 -2.23 11.42
N GLY B 152 34.10 -3.13 11.07
CA GLY B 152 33.99 -4.44 11.71
C GLY B 152 33.02 -4.52 12.89
N SER B 153 32.67 -3.38 13.48
CA SER B 153 31.77 -3.37 14.63
C SER B 153 30.28 -3.19 14.24
N GLU B 154 29.39 -3.94 14.91
CA GLU B 154 27.94 -3.80 14.64
C GLU B 154 27.38 -2.43 15.05
N ARG B 155 26.59 -1.85 14.15
CA ARG B 155 25.90 -0.60 14.43
C ARG B 155 24.40 -0.85 14.30
N GLN B 156 23.65 -0.53 15.36
CA GLN B 156 22.20 -0.64 15.34
C GLN B 156 21.48 0.72 15.44
N ASN B 157 22.06 1.69 16.15
CA ASN B 157 21.38 3.00 16.31
C ASN B 157 21.30 3.77 15.00
N GLY B 158 20.12 4.30 14.72
CA GLY B 158 19.86 4.99 13.46
C GLY B 158 19.54 4.07 12.29
N VAL B 159 19.07 2.84 12.58
CA VAL B 159 18.74 1.89 11.51
C VAL B 159 17.23 1.72 11.31
N LEU B 160 16.80 1.74 10.06
CA LEU B 160 15.38 1.58 9.71
C LEU B 160 15.21 0.60 8.58
N ASN B 161 14.35 -0.39 8.81
CA ASN B 161 14.16 -1.48 7.87
C ASN B 161 12.74 -1.57 7.36
N SER B 162 12.59 -1.65 6.05
CA SER B 162 11.26 -1.66 5.44
C SER B 162 11.12 -2.79 4.47
N TRP B 163 10.16 -3.69 4.70
CA TRP B 163 9.91 -4.78 3.79
C TRP B 163 8.84 -4.41 2.78
N THR B 164 8.97 -4.90 1.56
CA THR B 164 7.92 -4.77 0.56
C THR B 164 6.79 -5.72 0.93
N ASP B 165 5.62 -5.51 0.32
CA ASP B 165 4.60 -6.54 0.32
C ASP B 165 5.12 -7.67 -0.53
N GLN B 166 4.46 -8.81 -0.43
CA GLN B 166 4.83 -9.94 -1.24
C GLN B 166 4.65 -9.61 -2.72
N ASP B 167 5.62 -10.02 -3.54
CA ASP B 167 5.57 -9.75 -4.95
C ASP B 167 4.51 -10.60 -5.67
N SER B 168 3.61 -9.93 -6.40
CA SER B 168 2.46 -10.58 -7.01
C SER B 168 2.81 -11.58 -8.12
N LYS B 169 3.94 -11.41 -8.79
CA LYS B 169 4.31 -12.31 -9.88
C LYS B 169 5.09 -13.55 -9.42
N ASP B 170 6.04 -13.38 -8.50
CA ASP B 170 6.93 -14.47 -8.10
C ASP B 170 6.95 -14.77 -6.60
N SER B 171 6.14 -14.07 -5.81
CA SER B 171 5.93 -14.35 -4.36
C SER B 171 7.13 -14.05 -3.45
N THR B 172 8.12 -13.32 -3.96
CA THR B 172 9.29 -12.99 -3.17
C THR B 172 9.04 -11.71 -2.38
N TYR B 173 9.95 -11.43 -1.46
CA TYR B 173 9.98 -10.18 -0.74
C TYR B 173 11.28 -9.44 -1.04
N SER B 174 11.24 -8.14 -0.78
CA SER B 174 12.45 -7.34 -0.75
C SER B 174 12.47 -6.52 0.51
N MET B 175 13.66 -6.09 0.93
CA MET B 175 13.78 -5.25 2.10
C MET B 175 14.87 -4.19 1.90
N SER B 176 14.63 -3.01 2.45
CA SER B 176 15.62 -1.93 2.51
C SER B 176 16.03 -1.64 3.93
N SER B 177 17.34 -1.45 4.12
CA SER B 177 17.88 -1.10 5.40
C SER B 177 18.65 0.21 5.27
N THR B 178 18.30 1.19 6.09
CA THR B 178 18.96 2.50 6.08
C THR B 178 19.53 2.87 7.41
N LEU B 179 20.82 3.15 7.40
CA LEU B 179 21.55 3.59 8.58
C LEU B 179 21.82 5.06 8.40
N THR B 180 21.34 5.88 9.33
CA THR B 180 21.57 7.32 9.23
C THR B 180 22.45 7.85 10.35
N LEU B 181 23.53 8.52 9.95
CA LEU B 181 24.51 9.08 10.85
C LEU B 181 24.68 10.57 10.54
N THR B 182 25.33 11.29 11.46
CA THR B 182 25.79 12.65 11.18
C THR B 182 27.02 12.53 10.28
N LYS B 183 27.27 13.52 9.43
CA LYS B 183 28.41 13.45 8.54
C LYS B 183 29.72 13.34 9.34
N ASP B 184 29.81 14.04 10.46
CA ASP B 184 30.97 13.93 11.34
C ASP B 184 31.22 12.48 11.75
N GLU B 185 30.18 11.80 12.22
CA GLU B 185 30.26 10.37 12.57
C GLU B 185 30.68 9.52 11.37
N TYR B 186 30.04 9.73 10.24
CA TYR B 186 30.38 8.99 9.01
C TYR B 186 31.87 9.06 8.72
N GLU B 187 32.38 10.29 8.64
CA GLU B 187 33.74 10.54 8.18
C GLU B 187 34.83 9.85 9.00
N ARG B 188 34.55 9.60 10.28
CA ARG B 188 35.53 9.00 11.17
C ARG B 188 35.56 7.46 11.19
N HIS B 189 35.03 6.81 10.15
CA HIS B 189 35.22 5.37 9.94
C HIS B 189 35.35 5.10 8.44
N ASN B 190 35.96 3.99 8.04
CA ASN B 190 36.19 3.71 6.61
C ASN B 190 35.35 2.58 6.00
N SER B 191 35.31 1.43 6.66
CA SER B 191 34.64 0.25 6.12
C SER B 191 33.15 0.19 6.50
N TYR B 192 32.30 0.10 5.49
CA TYR B 192 30.85 0.01 5.70
C TYR B 192 30.32 -1.26 5.05
N THR B 193 29.75 -2.16 5.85
CA THR B 193 29.13 -3.35 5.28
C THR B 193 27.78 -3.68 5.92
N CYS B 194 26.93 -4.24 5.09
CA CYS B 194 25.68 -4.81 5.57
C CYS B 194 25.78 -6.31 5.29
N GLU B 195 25.36 -7.08 6.28
CA GLU B 195 25.40 -8.52 6.20
C GLU B 195 23.98 -9.05 6.34
N ALA B 196 23.53 -9.84 5.37
CA ALA B 196 22.19 -10.46 5.38
C ALA B 196 22.26 -11.93 5.85
N THR B 197 21.52 -12.24 6.91
CA THR B 197 21.38 -13.61 7.38
C THR B 197 19.96 -14.11 7.10
N HIS B 198 19.88 -15.24 6.45
CA HIS B 198 18.64 -15.77 5.93
C HIS B 198 18.71 -17.30 5.96
N LYS B 199 17.57 -17.96 6.00
CA LYS B 199 17.60 -19.42 6.10
C LYS B 199 18.25 -20.12 4.88
N THR B 200 18.38 -19.42 3.76
CA THR B 200 18.90 -20.01 2.53
C THR B 200 20.41 -20.25 2.51
N SER B 201 21.14 -19.76 3.49
CA SER B 201 22.58 -19.93 3.52
C SER B 201 23.11 -20.06 4.93
N THR B 202 24.13 -20.90 5.09
CA THR B 202 24.78 -21.07 6.39
C THR B 202 25.63 -19.85 6.76
N SER B 203 26.18 -19.17 5.76
CA SER B 203 26.93 -17.93 5.98
C SER B 203 26.21 -16.73 5.36
N PRO B 204 26.43 -15.53 5.91
CA PRO B 204 25.68 -14.34 5.44
C PRO B 204 26.06 -13.88 4.03
N ILE B 205 25.15 -13.17 3.36
CA ILE B 205 25.46 -12.52 2.10
C ILE B 205 25.87 -11.11 2.45
N VAL B 206 27.03 -10.72 1.93
CA VAL B 206 27.71 -9.51 2.40
C VAL B 206 28.00 -8.57 1.24
N LYS B 207 27.80 -7.29 1.47
CA LYS B 207 28.21 -6.27 0.54
C LYS B 207 28.92 -5.20 1.33
N SER B 208 29.95 -4.59 0.73
CA SER B 208 30.76 -3.63 1.45
C SER B 208 31.37 -2.59 0.52
N PHE B 209 31.61 -1.39 1.04
CA PHE B 209 32.46 -0.39 0.36
C PHE B 209 33.38 0.26 1.39
N ASN B 210 34.46 0.86 0.88
CA ASN B 210 35.36 1.67 1.70
C ASN B 210 35.20 3.15 1.37
N ARG B 211 35.07 3.97 2.42
CA ARG B 211 34.79 5.39 2.27
C ARG B 211 35.87 6.09 1.42
N ASN B 212 37.12 5.94 1.81
CA ASN B 212 38.22 6.63 1.09
C ASN B 212 38.60 5.99 -0.26
N GLU B 213 37.73 5.14 -0.80
CA GLU B 213 37.80 4.72 -2.19
C GLU B 213 36.52 5.13 -2.93
N CYS B 214 35.69 5.96 -2.28
CA CYS B 214 34.43 6.46 -2.84
CA CYS B 214 34.43 6.46 -2.83
C CYS B 214 34.44 7.99 -2.88
#